data_6OHU
#
_entry.id   6OHU
#
_cell.length_a   192.837
_cell.length_b   66.829
_cell.length_c   98.678
_cell.angle_alpha   90.00
_cell.angle_beta   90.00
_cell.angle_gamma   90.00
#
_symmetry.space_group_name_H-M   'P 21 21 2'
#
loop_
_entity.id
_entity.type
_entity.pdbx_description
1 polymer 3-beta-hydroxysteroid-Delta(8),Delta(7)-isomerase
2 non-polymer (Z)-2-[4-(1,2)-DIPHENYL-1-BUTENYL)-PHENOXY]-N,N-DIMETHYLETHANAMINE
#
_entity_poly.entity_id   1
_entity_poly.type   'polypeptide(L)'
_entity_poly.pdbx_seq_one_letter_code
;MWSHPQFEKTTNAGPLHPYWPQHLRLDNFVPNDRPTWHILAGLFSVTGVLVVTTWLLSGRAAVVPLGTWRRLSLCWFAVC
GFIHLVIEGWFVLYYEDLLGDQAFLSQLWKEYAKGDSRYILGDNFTVCMETITACLWGPLSLWVVIAFLRQHPLRFILQL
VVSVGQIYGDVLYFLTEHRDGFQHGELGHPLYFWFYFVFMNALWLVLPGVLVLDAVKHLTHAQSTLDAKATKAKSKKN
;
_entity_poly.pdbx_strand_id   A,B,C
#
# COMPACT_ATOMS: atom_id res chain seq x y z
N PRO A 15 -5.45 50.76 2.79
CA PRO A 15 -5.09 49.48 2.20
C PRO A 15 -6.09 49.02 1.14
N LEU A 16 -5.59 48.49 0.02
CA LEU A 16 -6.44 47.96 -1.03
C LEU A 16 -6.49 46.44 -1.03
N HIS A 17 -5.93 45.77 -0.02
CA HIS A 17 -5.94 44.31 0.08
C HIS A 17 -5.45 43.86 1.45
N PRO A 18 -5.93 42.71 1.95
CA PRO A 18 -5.55 42.29 3.32
C PRO A 18 -4.13 41.80 3.46
N TYR A 19 -3.44 41.45 2.37
CA TYR A 19 -2.13 40.81 2.46
C TYR A 19 -1.11 41.75 3.08
N TRP A 20 -0.51 41.31 4.18
CA TRP A 20 -0.03 42.24 5.20
C TRP A 20 1.34 42.88 5.07
N PRO A 21 2.28 42.37 4.29
CA PRO A 21 3.42 43.24 3.94
C PRO A 21 2.86 44.42 3.15
N GLN A 22 2.44 45.48 3.86
CA GLN A 22 1.48 46.43 3.31
C GLN A 22 2.02 47.23 2.13
N HIS A 23 3.32 47.16 1.86
CA HIS A 23 3.88 47.77 0.67
C HIS A 23 3.69 46.89 -0.57
N LEU A 24 3.03 45.74 -0.42
CA LEU A 24 2.77 44.87 -1.57
C LEU A 24 1.83 45.57 -2.53
N ARG A 25 2.28 45.73 -3.77
CA ARG A 25 1.46 46.30 -4.83
C ARG A 25 0.85 45.13 -5.58
N LEU A 26 -0.35 44.74 -5.17
CA LEU A 26 -1.02 43.57 -5.70
C LEU A 26 -2.15 44.03 -6.62
N ASP A 27 -1.80 44.35 -7.86
CA ASP A 27 -2.81 44.45 -8.88
C ASP A 27 -3.36 43.05 -9.14
N ASN A 28 -4.32 42.96 -10.03
CA ASN A 28 -4.95 41.69 -10.36
C ASN A 28 -5.40 40.95 -9.10
N PHE A 29 -5.88 41.72 -8.13
CA PHE A 29 -6.43 41.17 -6.89
C PHE A 29 -7.94 41.37 -6.88
N VAL A 30 -8.68 40.32 -6.56
CA VAL A 30 -10.13 40.34 -6.55
C VAL A 30 -10.63 39.93 -5.17
N PRO A 31 -11.33 40.79 -4.44
CA PRO A 31 -11.90 40.38 -3.15
C PRO A 31 -12.89 39.23 -3.33
N ASN A 32 -12.71 38.21 -2.51
CA ASN A 32 -13.49 36.98 -2.64
C ASN A 32 -15.00 37.21 -2.50
N ASP A 33 -15.77 36.56 -3.38
CA ASP A 33 -17.22 36.65 -3.31
C ASP A 33 -17.78 35.89 -2.10
N ARG A 34 -17.27 34.68 -1.86
CA ARG A 34 -17.77 33.88 -0.73
C ARG A 34 -17.11 34.32 0.57
N PRO A 35 -17.89 34.55 1.63
CA PRO A 35 -17.29 34.93 2.92
C PRO A 35 -16.36 33.85 3.45
N THR A 36 -15.59 34.25 4.47
CA THR A 36 -14.61 33.32 5.04
C THR A 36 -15.31 32.12 5.68
N TRP A 37 -16.47 32.35 6.30
CA TRP A 37 -17.15 31.25 6.97
C TRP A 37 -17.62 30.20 5.99
N HIS A 38 -17.91 30.60 4.75
CA HIS A 38 -18.22 29.63 3.70
C HIS A 38 -17.10 28.60 3.57
N ILE A 39 -15.86 29.08 3.38
CA ILE A 39 -14.73 28.17 3.13
C ILE A 39 -14.43 27.34 4.38
N LEU A 40 -14.33 28.00 5.53
CA LEU A 40 -13.99 27.29 6.77
C LEU A 40 -15.03 26.24 7.12
N ALA A 41 -16.32 26.59 7.07
CA ALA A 41 -17.36 25.64 7.42
C ALA A 41 -17.48 24.52 6.39
N GLY A 42 -17.44 24.85 5.09
CA GLY A 42 -17.56 23.79 4.10
C GLY A 42 -16.44 22.77 4.17
N LEU A 43 -15.25 23.20 4.57
CA LEU A 43 -14.17 22.22 4.65
C LEU A 43 -14.13 21.50 5.97
N PHE A 44 -14.45 22.18 7.07
CA PHE A 44 -14.66 21.43 8.31
C PHE A 44 -15.67 20.31 8.07
N SER A 45 -16.75 20.62 7.34
CA SER A 45 -17.78 19.63 7.06
C SER A 45 -17.23 18.47 6.21
N VAL A 46 -16.51 18.79 5.13
CA VAL A 46 -15.99 17.72 4.27
C VAL A 46 -14.94 16.89 5.02
N THR A 47 -14.17 17.52 5.92
CA THR A 47 -13.20 16.79 6.73
C THR A 47 -13.89 15.84 7.70
N GLY A 48 -15.00 16.29 8.31
CA GLY A 48 -15.80 15.38 9.12
C GLY A 48 -16.33 14.21 8.31
N VAL A 49 -16.82 14.49 7.10
CA VAL A 49 -17.31 13.44 6.21
C VAL A 49 -16.20 12.41 5.97
N LEU A 50 -14.98 12.88 5.68
CA LEU A 50 -13.88 11.95 5.45
C LEU A 50 -13.54 11.16 6.70
N VAL A 51 -13.51 11.82 7.86
CA VAL A 51 -13.21 11.09 9.10
C VAL A 51 -14.23 9.98 9.34
N VAL A 52 -15.51 10.27 9.09
CA VAL A 52 -16.55 9.27 9.31
C VAL A 52 -16.43 8.13 8.31
N THR A 53 -16.32 8.47 7.02
CA THR A 53 -16.19 7.45 5.98
C THR A 53 -14.98 6.55 6.23
N THR A 54 -13.86 7.15 6.67
CA THR A 54 -12.65 6.38 6.89
C THR A 54 -12.71 5.56 8.18
N TRP A 55 -13.38 6.07 9.22
CA TRP A 55 -13.61 5.26 10.40
C TRP A 55 -14.46 4.04 10.07
N LEU A 56 -15.46 4.21 9.21
CA LEU A 56 -16.28 3.07 8.80
C LEU A 56 -15.46 2.08 7.97
N LEU A 57 -14.71 2.58 6.99
CA LEU A 57 -13.88 1.69 6.18
C LEU A 57 -12.83 0.99 7.01
N SER A 58 -12.39 1.62 8.11
CA SER A 58 -11.49 0.94 9.04
C SER A 58 -12.21 -0.17 9.78
N GLY A 59 -13.44 0.07 10.21
CA GLY A 59 -14.24 -0.98 10.82
C GLY A 59 -14.52 -2.14 9.89
N ARG A 60 -14.39 -1.92 8.59
CA ARG A 60 -14.63 -2.95 7.58
C ARG A 60 -13.32 -3.45 6.99
N THR A 68 -8.18 0.94 18.64
CA THR A 68 -9.13 2.05 18.65
C THR A 68 -8.46 3.33 18.16
N TRP A 69 -7.46 3.78 18.91
CA TRP A 69 -6.71 4.98 18.52
C TRP A 69 -6.16 4.84 17.10
N ARG A 70 -5.59 3.66 16.78
CA ARG A 70 -5.01 3.46 15.45
C ARG A 70 -6.05 3.60 14.35
N ARG A 71 -7.29 3.20 14.64
CA ARG A 71 -8.36 3.41 13.67
C ARG A 71 -8.67 4.89 13.50
N LEU A 72 -8.37 5.71 14.52
CA LEU A 72 -8.41 7.16 14.37
C LEU A 72 -7.25 7.66 13.53
N SER A 73 -6.05 7.11 13.75
CA SER A 73 -4.89 7.53 12.98
C SER A 73 -5.10 7.26 11.49
N LEU A 74 -5.88 6.23 11.17
CA LEU A 74 -6.21 5.99 9.76
C LEU A 74 -7.02 7.15 9.19
N CYS A 75 -8.00 7.67 9.95
CA CYS A 75 -8.75 8.83 9.48
C CYS A 75 -7.86 10.08 9.43
N TRP A 76 -6.91 10.18 10.35
CA TRP A 76 -5.94 11.28 10.26
C TRP A 76 -5.18 11.21 8.95
N PHE A 77 -4.68 10.03 8.60
CA PHE A 77 -3.92 9.89 7.36
C PHE A 77 -4.81 10.07 6.12
N ALA A 78 -6.10 9.77 6.24
CA ALA A 78 -7.00 10.03 5.12
C ALA A 78 -7.22 11.53 4.94
N VAL A 79 -7.44 12.25 6.04
CA VAL A 79 -7.59 13.71 5.97
C VAL A 79 -6.29 14.34 5.47
N CYS A 80 -5.15 13.80 5.89
CA CYS A 80 -3.87 14.24 5.33
C CYS A 80 -3.88 14.09 3.83
N GLY A 81 -3.99 12.85 3.33
CA GLY A 81 -4.03 12.63 1.89
C GLY A 81 -4.96 13.58 1.17
N PHE A 82 -6.09 13.91 1.80
CA PHE A 82 -7.04 14.84 1.20
C PHE A 82 -6.43 16.24 1.08
N ILE A 83 -5.94 16.77 2.21
CA ILE A 83 -5.39 18.13 2.23
C ILE A 83 -4.19 18.24 1.29
N HIS A 84 -3.29 17.25 1.37
CA HIS A 84 -2.10 17.26 0.53
C HIS A 84 -2.46 17.16 -0.95
N LEU A 85 -3.45 16.32 -1.30
CA LEU A 85 -3.72 16.09 -2.72
C LEU A 85 -4.66 17.15 -3.31
N VAL A 86 -5.82 17.36 -2.71
CA VAL A 86 -6.79 18.27 -3.30
C VAL A 86 -6.39 19.73 -3.07
N ILE A 87 -6.26 20.12 -1.80
CA ILE A 87 -6.02 21.51 -1.41
C ILE A 87 -4.58 21.95 -1.62
N GLU A 88 -3.65 21.36 -0.85
CA GLU A 88 -2.25 21.72 -0.99
C GLU A 88 -1.74 21.44 -2.40
N GLY A 89 -2.30 20.44 -3.07
CA GLY A 89 -2.03 20.27 -4.49
C GLY A 89 -2.63 21.37 -5.35
N TRP A 90 -3.86 21.79 -5.03
CA TRP A 90 -4.50 22.88 -5.76
C TRP A 90 -3.62 24.12 -5.76
N PHE A 91 -3.01 24.42 -4.62
CA PHE A 91 -2.05 25.53 -4.62
C PHE A 91 -0.90 25.25 -5.58
N VAL A 92 -0.37 24.02 -5.55
CA VAL A 92 0.78 23.67 -6.38
C VAL A 92 0.49 23.93 -7.86
N LEU A 93 -0.77 23.78 -8.27
CA LEU A 93 -1.07 24.07 -9.68
C LEU A 93 -1.27 25.57 -9.90
N TYR A 94 -2.20 26.18 -9.18
CA TYR A 94 -2.73 27.52 -9.48
C TYR A 94 -2.13 28.59 -8.59
N TYR A 95 -0.83 28.53 -8.30
CA TYR A 95 -0.21 29.56 -7.47
C TYR A 95 0.07 30.84 -8.25
N GLU A 96 -0.37 30.92 -9.51
CA GLU A 96 -0.12 32.06 -10.36
C GLU A 96 -1.35 32.93 -10.55
N ASP A 97 -2.52 32.30 -10.75
CA ASP A 97 -3.77 33.03 -10.93
C ASP A 97 -4.26 33.63 -9.63
N LEU A 98 -4.80 32.78 -8.75
CA LEU A 98 -5.29 33.19 -7.44
C LEU A 98 -6.37 34.26 -7.59
N LEU A 99 -7.27 34.01 -8.54
CA LEU A 99 -8.42 34.85 -8.86
C LEU A 99 -9.64 33.96 -8.72
N GLY A 100 -10.63 34.42 -7.97
CA GLY A 100 -11.74 33.56 -7.58
C GLY A 100 -12.69 33.05 -8.64
N ASP A 101 -12.38 33.20 -9.93
CA ASP A 101 -13.24 32.62 -10.96
C ASP A 101 -13.16 31.09 -10.99
N GLN A 102 -12.09 30.49 -10.49
CA GLN A 102 -12.06 29.05 -10.31
C GLN A 102 -12.73 28.67 -8.99
N ALA A 103 -12.71 27.37 -8.69
CA ALA A 103 -13.37 26.84 -7.50
C ALA A 103 -12.93 27.57 -6.23
N PHE A 104 -13.67 27.37 -5.14
CA PHE A 104 -13.35 28.06 -3.91
C PHE A 104 -12.06 27.57 -3.27
N LEU A 105 -11.34 26.62 -3.88
CA LEU A 105 -10.01 26.23 -3.38
C LEU A 105 -9.00 27.37 -3.54
N SER A 106 -9.00 28.04 -4.69
CA SER A 106 -8.09 29.17 -4.87
C SER A 106 -8.45 30.31 -3.92
N GLN A 107 -9.74 30.51 -3.66
CA GLN A 107 -10.16 31.49 -2.68
C GLN A 107 -9.76 31.05 -1.27
N LEU A 108 -9.88 29.77 -0.99
CA LEU A 108 -9.35 29.21 0.26
C LEU A 108 -7.90 29.64 0.46
N TRP A 109 -7.09 29.48 -0.58
CA TRP A 109 -5.67 29.81 -0.45
C TRP A 109 -5.46 31.31 -0.30
N LYS A 110 -6.27 32.12 -0.99
CA LYS A 110 -6.22 33.56 -0.77
C LYS A 110 -6.56 33.93 0.67
N GLU A 111 -7.52 33.21 1.27
CA GLU A 111 -7.91 33.47 2.65
C GLU A 111 -6.83 33.02 3.62
N TYR A 112 -6.17 31.89 3.31
CA TYR A 112 -5.04 31.49 4.12
C TYR A 112 -3.92 32.51 4.01
N ALA A 113 -3.77 33.13 2.85
CA ALA A 113 -2.81 34.21 2.67
C ALA A 113 -3.22 35.47 3.39
N LYS A 114 -4.52 35.67 3.65
CA LYS A 114 -4.92 36.67 4.63
C LYS A 114 -4.26 36.37 5.98
N GLY A 115 -4.02 35.09 6.24
CA GLY A 115 -3.13 34.70 7.33
C GLY A 115 -1.71 35.11 7.00
N ASP A 116 -0.73 34.53 7.70
CA ASP A 116 0.62 35.08 7.62
C ASP A 116 1.20 34.97 6.22
N SER A 117 1.33 33.75 5.72
CA SER A 117 2.30 33.48 4.67
C SER A 117 1.92 34.12 3.33
N ARG A 118 2.76 33.80 2.36
CA ARG A 118 2.98 34.54 1.12
C ARG A 118 2.51 33.75 -0.09
N TYR A 119 1.42 33.01 0.07
CA TYR A 119 0.94 32.17 -1.02
C TYR A 119 0.35 32.98 -2.16
N ILE A 120 0.35 34.30 -2.06
CA ILE A 120 -0.06 35.17 -3.16
C ILE A 120 1.10 35.45 -4.10
N LEU A 121 2.26 35.79 -3.55
CA LEU A 121 3.44 36.17 -4.33
C LEU A 121 4.05 35.01 -5.10
N GLY A 122 3.65 33.77 -4.81
CA GLY A 122 4.25 32.62 -5.45
C GLY A 122 5.69 32.40 -5.01
N ASP A 123 5.91 32.46 -3.71
CA ASP A 123 7.23 32.36 -3.12
C ASP A 123 8.01 31.17 -3.66
N ASN A 124 9.28 31.41 -4.01
CA ASN A 124 10.12 30.35 -4.56
C ASN A 124 10.13 29.12 -3.67
N PHE A 125 10.48 29.30 -2.39
CA PHE A 125 10.54 28.18 -1.46
C PHE A 125 9.16 27.58 -1.19
N THR A 126 8.15 28.43 -0.98
CA THR A 126 6.83 27.93 -0.61
C THR A 126 6.23 27.05 -1.70
N VAL A 127 6.43 27.42 -2.97
CA VAL A 127 5.95 26.59 -4.07
C VAL A 127 6.64 25.24 -4.05
N CYS A 128 7.94 25.23 -3.78
CA CYS A 128 8.70 23.98 -3.78
C CYS A 128 8.26 23.05 -2.65
N MET A 129 8.15 23.56 -1.42
CA MET A 129 7.75 22.70 -0.30
C MET A 129 6.34 22.17 -0.51
N GLU A 130 5.43 22.99 -1.04
CA GLU A 130 4.07 22.53 -1.30
C GLU A 130 4.06 21.50 -2.43
N THR A 131 4.91 21.67 -3.44
CA THR A 131 4.99 20.69 -4.50
C THR A 131 5.41 19.32 -3.97
N ILE A 132 6.40 19.30 -3.08
CA ILE A 132 6.92 18.04 -2.56
C ILE A 132 5.88 17.35 -1.69
N THR A 133 5.24 18.10 -0.78
CA THR A 133 4.28 17.46 0.10
C THR A 133 3.09 16.93 -0.68
N ALA A 134 2.65 17.68 -1.69
CA ALA A 134 1.49 17.26 -2.47
C ALA A 134 1.83 16.07 -3.37
N CYS A 135 3.02 16.05 -3.95
CA CYS A 135 3.38 14.96 -4.85
C CYS A 135 3.63 13.67 -4.08
N LEU A 136 4.38 13.74 -2.99
CA LEU A 136 4.78 12.53 -2.26
C LEU A 136 3.87 12.21 -1.07
N TRP A 137 3.76 13.14 -0.11
CA TRP A 137 3.14 12.78 1.17
C TRP A 137 1.64 12.50 1.04
N GLY A 138 0.97 13.04 0.03
CA GLY A 138 -0.42 12.73 -0.21
C GLY A 138 -0.62 11.27 -0.59
N PRO A 139 -0.15 10.90 -1.79
CA PRO A 139 -0.14 9.48 -2.17
C PRO A 139 0.37 8.56 -1.08
N LEU A 140 1.53 8.88 -0.47
CA LEU A 140 2.07 8.03 0.57
C LEU A 140 1.18 7.98 1.81
N SER A 141 0.46 9.06 2.14
CA SER A 141 -0.47 8.98 3.27
C SER A 141 -1.63 8.05 2.96
N LEU A 142 -2.16 8.11 1.74
CA LEU A 142 -3.19 7.16 1.36
C LEU A 142 -2.62 5.74 1.31
N TRP A 143 -1.36 5.60 0.93
CA TRP A 143 -0.70 4.30 0.96
C TRP A 143 -0.52 3.82 2.39
N VAL A 144 -0.37 4.74 3.34
CA VAL A 144 -0.33 4.36 4.74
C VAL A 144 -1.68 3.79 5.17
N VAL A 145 -2.76 4.50 4.83
CA VAL A 145 -4.07 4.02 5.28
C VAL A 145 -4.42 2.71 4.57
N ILE A 146 -3.99 2.52 3.32
CA ILE A 146 -4.25 1.27 2.62
C ILE A 146 -3.44 0.12 3.22
N ALA A 147 -2.12 0.31 3.29
CA ALA A 147 -1.20 -0.73 3.75
C ALA A 147 -1.25 -0.96 5.25
N PHE A 148 -2.05 -0.20 6.00
CA PHE A 148 -2.16 -0.44 7.43
C PHE A 148 -3.26 -1.42 7.79
N LEU A 149 -4.07 -1.88 6.83
CA LEU A 149 -5.11 -2.85 7.16
C LEU A 149 -4.47 -4.22 7.40
N ARG A 150 -3.38 -4.23 8.18
CA ARG A 150 -2.63 -5.45 8.54
C ARG A 150 -2.11 -6.19 7.31
N GLN A 151 -2.11 -5.55 6.14
CA GLN A 151 -1.80 -6.24 4.91
C GLN A 151 -0.33 -6.24 4.51
N HIS A 152 0.49 -5.32 5.03
CA HIS A 152 1.84 -5.25 4.51
C HIS A 152 2.80 -4.80 5.60
N PRO A 153 4.05 -5.30 5.58
CA PRO A 153 5.00 -4.90 6.62
C PRO A 153 5.46 -3.46 6.50
N LEU A 154 5.26 -2.82 5.34
CA LEU A 154 5.61 -1.43 5.10
C LEU A 154 4.70 -0.45 5.82
N ARG A 155 3.82 -0.93 6.70
CA ARG A 155 2.80 -0.06 7.29
C ARG A 155 3.41 0.96 8.25
N PHE A 156 4.39 0.55 9.05
CA PHE A 156 5.03 1.48 9.98
C PHE A 156 6.22 2.19 9.36
N ILE A 157 6.90 1.56 8.41
CA ILE A 157 7.95 2.25 7.66
C ILE A 157 7.36 3.44 6.92
N LEU A 158 6.21 3.23 6.27
CA LEU A 158 5.53 4.32 5.57
C LEU A 158 5.09 5.41 6.54
N GLN A 159 4.49 5.02 7.66
CA GLN A 159 4.11 6.00 8.68
C GLN A 159 5.31 6.84 9.10
N LEU A 160 6.44 6.17 9.36
CA LEU A 160 7.66 6.85 9.77
C LEU A 160 8.12 7.84 8.71
N VAL A 161 8.25 7.39 7.46
CA VAL A 161 8.75 8.25 6.40
C VAL A 161 7.84 9.46 6.21
N VAL A 162 6.53 9.22 6.10
CA VAL A 162 5.58 10.31 5.86
C VAL A 162 5.61 11.31 7.00
N SER A 163 5.55 10.84 8.25
CA SER A 163 5.51 11.78 9.36
C SER A 163 6.83 12.54 9.50
N VAL A 164 7.95 11.91 9.20
CA VAL A 164 9.23 12.62 9.24
C VAL A 164 9.27 13.70 8.17
N GLY A 165 8.80 13.38 6.96
CA GLY A 165 8.76 14.36 5.91
C GLY A 165 7.84 15.53 6.23
N GLN A 166 6.70 15.24 6.86
CA GLN A 166 5.78 16.30 7.25
C GLN A 166 6.42 17.20 8.29
N ILE A 167 7.13 16.61 9.26
CA ILE A 167 7.81 17.40 10.28
C ILE A 167 8.86 18.29 9.63
N TYR A 168 9.63 17.74 8.70
CA TYR A 168 10.64 18.54 7.99
C TYR A 168 10.00 19.69 7.24
N GLY A 169 9.00 19.41 6.41
CA GLY A 169 8.35 20.47 5.67
C GLY A 169 7.83 21.57 6.56
N ASP A 170 7.20 21.19 7.67
CA ASP A 170 6.58 22.19 8.54
C ASP A 170 7.64 23.00 9.29
N VAL A 171 8.71 22.35 9.76
CA VAL A 171 9.78 23.06 10.46
C VAL A 171 10.48 24.03 9.51
N LEU A 172 10.70 23.62 8.26
CA LEU A 172 11.28 24.55 7.29
C LEU A 172 10.32 25.70 6.99
N TYR A 173 9.02 25.41 6.86
CA TYR A 173 8.06 26.49 6.64
C TYR A 173 8.13 27.53 7.75
N PHE A 174 8.13 27.06 9.01
CA PHE A 174 8.19 27.96 10.15
C PHE A 174 9.51 28.71 10.20
N LEU A 175 10.64 28.00 10.07
CA LEU A 175 11.95 28.63 10.12
C LEU A 175 12.08 29.69 9.03
N THR A 176 11.69 29.36 7.80
CA THR A 176 11.85 30.31 6.69
C THR A 176 11.02 31.56 6.92
N GLU A 177 9.73 31.40 7.23
CA GLU A 177 8.91 32.58 7.48
C GLU A 177 9.43 33.37 8.67
N HIS A 178 9.99 32.68 9.67
CA HIS A 178 10.55 33.33 10.86
C HIS A 178 11.79 34.15 10.53
N ARG A 179 12.76 33.56 9.83
CA ARG A 179 13.96 34.30 9.47
C ARG A 179 13.66 35.46 8.55
N ASP A 180 12.45 35.53 8.00
CA ASP A 180 11.95 36.73 7.35
C ASP A 180 11.39 37.73 8.34
N GLY A 181 11.51 37.45 9.65
CA GLY A 181 11.01 38.35 10.66
C GLY A 181 9.50 38.43 10.72
N PHE A 182 8.81 37.38 10.29
CA PHE A 182 7.35 37.35 10.22
C PHE A 182 6.83 38.48 9.34
N GLN A 183 7.66 38.89 8.37
CA GLN A 183 7.29 39.86 7.33
C GLN A 183 5.89 39.64 6.79
N HIS A 184 5.66 38.50 6.15
CA HIS A 184 4.35 38.20 5.61
C HIS A 184 3.38 37.90 6.75
N GLY A 185 2.28 38.65 6.79
CA GLY A 185 1.28 38.44 7.82
C GLY A 185 1.44 39.30 9.06
N GLU A 186 0.33 39.89 9.50
CA GLU A 186 0.34 40.72 10.69
C GLU A 186 0.64 39.89 11.91
N LEU A 187 1.68 40.26 12.67
CA LEU A 187 2.06 39.49 13.84
C LEU A 187 0.95 39.50 14.88
N GLY A 188 0.82 38.39 15.60
CA GLY A 188 -0.10 38.30 16.72
C GLY A 188 -1.56 38.33 16.39
N HIS A 189 -1.93 38.50 15.12
CA HIS A 189 -3.33 38.52 14.71
C HIS A 189 -4.04 37.26 15.21
N PRO A 190 -5.20 37.39 15.85
CA PRO A 190 -5.85 36.22 16.45
C PRO A 190 -6.28 35.21 15.40
N LEU A 191 -7.07 35.67 14.44
CA LEU A 191 -7.55 34.80 13.38
C LEU A 191 -6.41 34.41 12.44
N TYR A 192 -5.77 35.40 11.83
CA TYR A 192 -4.89 35.15 10.69
C TYR A 192 -3.54 34.58 11.12
N PHE A 193 -2.99 35.01 12.26
CA PHE A 193 -1.68 34.51 12.66
C PHE A 193 -1.79 33.28 13.54
N TRP A 194 -2.52 33.38 14.66
CA TRP A 194 -2.47 32.31 15.66
C TRP A 194 -3.22 31.07 15.20
N PHE A 195 -4.34 31.24 14.49
CA PHE A 195 -5.11 30.08 14.04
C PHE A 195 -4.65 29.61 12.66
N TYR A 196 -4.75 30.48 11.66
CA TYR A 196 -4.38 30.11 10.29
C TYR A 196 -2.92 29.64 10.22
N PHE A 197 -2.00 30.50 10.67
CA PHE A 197 -0.57 30.22 10.55
C PHE A 197 -0.09 29.23 11.60
N VAL A 198 -0.22 29.59 12.87
CA VAL A 198 0.38 28.78 13.94
C VAL A 198 -0.37 27.47 14.12
N PHE A 199 -1.67 27.52 14.38
CA PHE A 199 -2.38 26.29 14.77
C PHE A 199 -2.44 25.27 13.66
N MET A 200 -3.00 25.64 12.50
CA MET A 200 -3.23 24.66 11.45
C MET A 200 -1.96 23.92 11.12
N ASN A 201 -0.86 24.66 10.96
CA ASN A 201 0.41 24.05 10.65
C ASN A 201 0.95 23.25 11.84
N ALA A 202 0.80 23.79 13.05
CA ALA A 202 1.32 23.09 14.23
C ALA A 202 0.78 21.66 14.33
N LEU A 203 -0.40 21.40 13.76
CA LEU A 203 -0.90 20.04 13.67
C LEU A 203 0.11 19.10 13.01
N TRP A 204 0.52 19.41 11.78
CA TRP A 204 1.50 18.60 11.08
C TRP A 204 2.88 18.70 11.72
N LEU A 205 3.01 19.43 12.82
CA LEU A 205 4.19 19.38 13.67
C LEU A 205 4.02 18.43 14.86
N VAL A 206 2.84 18.43 15.48
CA VAL A 206 2.60 17.69 16.70
C VAL A 206 2.12 16.28 16.40
N LEU A 207 1.03 16.17 15.63
CA LEU A 207 0.43 14.87 15.37
C LEU A 207 1.38 13.88 14.71
N PRO A 208 2.06 14.20 13.60
CA PRO A 208 3.01 13.22 13.05
C PRO A 208 4.23 13.00 13.91
N GLY A 209 4.59 13.96 14.78
CA GLY A 209 5.68 13.70 15.71
C GLY A 209 5.38 12.50 16.58
N VAL A 210 4.21 12.49 17.23
CA VAL A 210 3.77 11.32 17.98
C VAL A 210 3.81 10.11 17.08
N LEU A 211 3.37 10.27 15.83
CA LEU A 211 3.33 9.13 14.91
C LEU A 211 4.72 8.60 14.65
N VAL A 212 5.72 9.49 14.52
CA VAL A 212 7.09 9.03 14.37
C VAL A 212 7.45 8.16 15.56
N LEU A 213 7.22 8.66 16.77
CA LEU A 213 7.50 7.87 17.96
C LEU A 213 6.79 6.54 17.87
N ASP A 214 5.51 6.57 17.49
CA ASP A 214 4.76 5.33 17.33
C ASP A 214 5.47 4.43 16.34
N ALA A 215 5.72 4.96 15.13
CA ALA A 215 6.36 4.14 14.11
C ALA A 215 7.74 3.70 14.58
N VAL A 216 8.39 4.49 15.43
CA VAL A 216 9.67 4.07 15.97
C VAL A 216 9.48 3.01 17.03
N LYS A 217 8.56 3.26 17.98
CA LYS A 217 8.39 2.34 19.09
C LYS A 217 7.97 0.96 18.63
N HIS A 218 7.21 0.89 17.54
CA HIS A 218 6.86 -0.42 17.01
C HIS A 218 8.00 -1.01 16.18
N LEU A 219 8.67 -0.20 15.36
CA LEU A 219 9.68 -0.78 14.48
C LEU A 219 10.90 -1.22 15.28
N THR A 220 11.21 -0.53 16.38
CA THR A 220 12.24 -1.03 17.28
C THR A 220 11.88 -2.42 17.78
N HIS A 221 10.61 -2.60 18.13
CA HIS A 221 10.15 -3.92 18.54
C HIS A 221 10.29 -4.90 17.39
N ALA A 222 9.97 -4.46 16.17
CA ALA A 222 10.13 -5.34 15.02
C ALA A 222 11.59 -5.70 14.81
N GLN A 223 12.51 -4.82 15.24
CA GLN A 223 13.92 -5.15 15.15
C GLN A 223 14.35 -6.04 16.30
N SER A 224 13.72 -5.90 17.46
CA SER A 224 14.11 -6.71 18.62
C SER A 224 13.68 -8.16 18.44
N THR A 225 12.44 -8.38 17.94
CA THR A 225 11.95 -9.75 17.81
C THR A 225 12.72 -10.53 16.75
N LEU A 226 13.32 -9.83 15.78
CA LEU A 226 14.23 -10.49 14.84
C LEU A 226 15.50 -10.82 15.60
N ASP A 227 15.59 -12.06 16.08
CA ASP A 227 16.72 -12.49 16.87
C ASP A 227 16.98 -13.99 16.69
N PRO B 15 34.43 41.19 -13.98
CA PRO B 15 33.84 40.78 -12.70
C PRO B 15 34.82 40.91 -11.52
N LEU B 16 34.31 41.39 -10.38
CA LEU B 16 35.10 41.50 -9.16
C LEU B 16 34.85 40.33 -8.22
N HIS B 17 34.15 39.31 -8.70
CA HIS B 17 33.85 38.09 -7.98
C HIS B 17 33.28 37.06 -8.94
N PRO B 18 33.53 35.78 -8.72
CA PRO B 18 33.03 34.76 -9.66
C PRO B 18 31.54 34.53 -9.55
N TYR B 19 30.92 35.01 -8.48
CA TYR B 19 29.53 34.70 -8.18
C TYR B 19 28.64 35.21 -9.31
N TRP B 20 27.92 34.30 -9.94
CA TRP B 20 27.54 34.50 -11.33
C TRP B 20 26.32 35.38 -11.59
N PRO B 21 25.38 35.59 -10.65
CA PRO B 21 24.45 36.69 -10.87
C PRO B 21 25.26 37.97 -10.91
N GLN B 22 25.81 38.28 -12.09
CA GLN B 22 26.92 39.20 -12.17
C GLN B 22 26.53 40.63 -11.85
N HIS B 23 25.24 40.92 -11.71
CA HIS B 23 24.80 42.22 -11.25
C HIS B 23 24.91 42.37 -9.73
N LEU B 24 25.40 41.34 -9.03
CA LEU B 24 25.60 41.41 -7.59
C LEU B 24 26.73 42.39 -7.26
N ARG B 25 26.42 43.39 -6.45
CA ARG B 25 27.41 44.34 -5.93
C ARG B 25 27.76 43.89 -4.52
N LEU B 26 28.86 43.15 -4.38
CA LEU B 26 29.24 42.51 -3.11
C LEU B 26 30.38 43.31 -2.47
N ASP B 27 30.00 44.31 -1.67
CA ASP B 27 30.95 45.03 -0.83
C ASP B 27 31.56 44.11 0.24
N ASN B 28 32.49 44.66 1.03
CA ASN B 28 33.15 43.99 2.16
C ASN B 28 33.54 42.55 1.84
N PHE B 29 34.02 42.34 0.61
CA PHE B 29 34.46 41.03 0.13
C PHE B 29 35.98 40.99 0.06
N VAL B 30 36.56 39.91 0.57
CA VAL B 30 38.00 39.75 0.66
C VAL B 30 38.40 38.49 -0.10
N PRO B 31 39.20 38.59 -1.14
CA PRO B 31 39.68 37.40 -1.86
C PRO B 31 40.50 36.52 -0.93
N ASN B 32 40.21 35.22 -0.98
CA ASN B 32 40.81 34.28 -0.04
C ASN B 32 42.33 34.30 -0.13
N ASP B 33 42.97 34.35 1.04
CA ASP B 33 44.43 34.32 1.07
C ASP B 33 44.96 32.94 0.69
N ARG B 34 44.31 31.89 1.15
CA ARG B 34 44.76 30.53 0.86
C ARG B 34 44.23 30.07 -0.50
N PRO B 35 45.08 29.52 -1.37
CA PRO B 35 44.59 28.95 -2.63
C PRO B 35 43.64 27.78 -2.38
N THR B 36 42.97 27.36 -3.45
CA THR B 36 41.99 26.28 -3.35
C THR B 36 42.63 24.94 -2.94
N TRP B 37 43.86 24.68 -3.38
CA TRP B 37 44.50 23.41 -3.07
C TRP B 37 44.76 23.27 -1.57
N HIS B 38 44.92 24.39 -0.86
CA HIS B 38 45.01 24.36 0.59
C HIS B 38 43.80 23.64 1.19
N ILE B 39 42.61 24.12 0.87
CA ILE B 39 41.38 23.57 1.44
C ILE B 39 41.16 22.15 0.93
N LEU B 40 41.40 21.93 -0.37
CA LEU B 40 41.17 20.60 -0.93
C LEU B 40 42.00 19.54 -0.21
N ALA B 41 43.28 19.83 0.01
CA ALA B 41 44.14 18.87 0.72
C ALA B 41 43.75 18.76 2.19
N GLY B 42 43.46 19.89 2.83
CA GLY B 42 43.06 19.87 4.23
C GLY B 42 41.80 19.08 4.49
N LEU B 43 40.93 18.96 3.48
CA LEU B 43 39.75 18.14 3.65
C LEU B 43 40.00 16.70 3.26
N PHE B 44 40.76 16.48 2.17
CA PHE B 44 41.11 15.13 1.76
C PHE B 44 41.75 14.34 2.90
N SER B 45 42.71 14.96 3.59
CA SER B 45 43.42 14.25 4.64
C SER B 45 42.49 13.87 5.80
N VAL B 46 41.72 14.82 6.31
CA VAL B 46 40.90 14.55 7.48
C VAL B 46 39.75 13.60 7.15
N THR B 47 39.18 13.73 5.95
CA THR B 47 38.11 12.80 5.57
C THR B 47 38.65 11.38 5.42
N GLY B 48 39.83 11.23 4.84
CA GLY B 48 40.47 9.92 4.81
C GLY B 48 40.74 9.38 6.21
N VAL B 49 41.21 10.25 7.11
CA VAL B 49 41.46 9.87 8.49
C VAL B 49 40.19 9.30 9.13
N LEU B 50 39.06 10.00 8.94
CA LEU B 50 37.80 9.51 9.52
C LEU B 50 37.39 8.18 8.91
N VAL B 51 37.52 8.04 7.58
CA VAL B 51 37.15 6.78 6.94
C VAL B 51 37.99 5.64 7.50
N VAL B 52 39.29 5.88 7.70
CA VAL B 52 40.18 4.83 8.19
C VAL B 52 39.84 4.46 9.63
N THR B 53 39.75 5.45 10.52
CA THR B 53 39.45 5.16 11.92
C THR B 53 38.11 4.45 12.05
N THR B 54 37.12 4.82 11.24
CA THR B 54 35.83 4.17 11.36
C THR B 54 35.82 2.77 10.76
N TRP B 55 36.56 2.53 9.67
CA TRP B 55 36.74 1.16 9.20
C TRP B 55 37.41 0.30 10.27
N LEU B 56 38.39 0.87 10.98
CA LEU B 56 39.05 0.10 12.03
C LEU B 56 38.10 -0.19 13.19
N LEU B 57 37.39 0.82 13.68
CA LEU B 57 36.48 0.59 14.80
C LEU B 57 35.33 -0.33 14.38
N SER B 58 34.98 -0.32 13.09
CA SER B 58 33.98 -1.27 12.60
C SER B 58 34.53 -2.68 12.60
N GLY B 59 35.77 -2.86 12.10
CA GLY B 59 36.40 -4.16 12.19
C GLY B 59 36.68 -4.57 13.62
N ARG B 60 36.87 -3.60 14.52
CA ARG B 60 37.09 -3.88 15.92
C ARG B 60 35.90 -3.42 16.76
N THR B 68 29.76 -6.91 5.62
CA THR B 68 30.94 -6.40 4.92
C THR B 68 30.73 -4.96 4.45
N TRP B 69 29.73 -4.78 3.59
CA TRP B 69 29.40 -3.46 3.06
C TRP B 69 29.15 -2.42 4.14
N ARG B 70 28.43 -2.80 5.21
CA ARG B 70 28.03 -1.82 6.22
C ARG B 70 29.22 -1.12 6.87
N ARG B 71 30.36 -1.80 6.96
CA ARG B 71 31.53 -1.14 7.55
C ARG B 71 31.99 0.03 6.69
N LEU B 72 31.69 0.00 5.40
CA LEU B 72 31.86 1.20 4.57
C LEU B 72 30.74 2.20 4.83
N SER B 73 29.48 1.72 4.86
CA SER B 73 28.38 2.66 5.05
C SER B 73 28.49 3.37 6.39
N LEU B 74 29.02 2.68 7.39
CA LEU B 74 29.21 3.30 8.70
C LEU B 74 30.21 4.45 8.61
N CYS B 75 31.33 4.25 7.92
CA CYS B 75 32.23 5.40 7.77
C CYS B 75 31.59 6.48 6.92
N TRP B 76 30.70 6.11 5.99
CA TRP B 76 29.93 7.12 5.30
C TRP B 76 29.15 7.96 6.29
N PHE B 77 28.47 7.29 7.22
CA PHE B 77 27.69 7.99 8.24
C PHE B 77 28.59 8.78 9.16
N ALA B 78 29.86 8.39 9.28
CA ALA B 78 30.81 9.21 10.01
C ALA B 78 31.18 10.45 9.22
N VAL B 79 31.47 10.28 7.92
CA VAL B 79 31.85 11.42 7.10
C VAL B 79 30.72 12.42 7.02
N CYS B 80 29.48 11.92 6.91
CA CYS B 80 28.32 12.78 7.04
C CYS B 80 28.41 13.60 8.32
N GLY B 81 28.51 12.90 9.46
CA GLY B 81 28.63 13.58 10.73
C GLY B 81 29.65 14.69 10.71
N PHE B 82 30.74 14.50 9.97
CA PHE B 82 31.73 15.57 9.86
C PHE B 82 31.19 16.74 9.05
N ILE B 83 30.81 16.49 7.79
CA ILE B 83 30.44 17.58 6.88
C ILE B 83 29.26 18.36 7.42
N HIS B 84 28.23 17.65 7.89
CA HIS B 84 27.07 18.35 8.45
C HIS B 84 27.46 19.19 9.66
N LEU B 85 28.32 18.67 10.53
CA LEU B 85 28.58 19.36 11.80
C LEU B 85 29.66 20.42 11.70
N VAL B 86 30.84 20.07 11.20
CA VAL B 86 31.95 21.01 11.15
C VAL B 86 31.77 22.01 10.02
N ILE B 87 31.62 21.53 8.79
CA ILE B 87 31.59 22.38 7.60
C ILE B 87 30.25 23.13 7.52
N GLU B 88 29.17 22.38 7.32
CA GLU B 88 27.85 22.98 7.22
C GLU B 88 27.47 23.72 8.50
N GLY B 89 27.97 23.27 9.65
CA GLY B 89 27.81 24.05 10.87
C GLY B 89 28.57 25.36 10.84
N TRP B 90 29.79 25.35 10.30
CA TRP B 90 30.51 26.61 10.12
C TRP B 90 29.70 27.58 9.28
N PHE B 91 29.08 27.09 8.20
CA PHE B 91 28.21 27.97 7.40
C PHE B 91 27.05 28.49 8.24
N VAL B 92 26.37 27.59 8.95
CA VAL B 92 25.21 28.01 9.73
C VAL B 92 25.58 29.08 10.74
N LEU B 93 26.81 29.05 11.26
CA LEU B 93 27.22 30.06 12.22
C LEU B 93 27.71 31.35 11.55
N TYR B 94 28.76 31.26 10.75
CA TYR B 94 29.54 32.45 10.40
C TYR B 94 29.19 33.02 9.03
N TYR B 95 27.95 32.91 8.62
CA TYR B 95 27.39 33.85 7.66
C TYR B 95 26.83 35.00 8.49
N GLU B 96 26.85 36.21 7.95
CA GLU B 96 27.41 36.55 6.67
C GLU B 96 28.68 37.41 6.80
N ASP B 97 29.69 36.90 7.51
CA ASP B 97 30.93 37.65 7.64
C ASP B 97 31.67 37.71 6.31
N LEU B 98 31.92 36.55 5.70
CA LEU B 98 32.53 36.48 4.36
C LEU B 98 33.94 37.04 4.37
N LEU B 99 34.73 36.63 5.35
CA LEU B 99 36.12 37.04 5.48
C LEU B 99 36.99 35.80 5.50
N GLY B 100 37.93 35.70 4.55
CA GLY B 100 38.80 34.55 4.54
C GLY B 100 39.86 34.59 5.61
N ASP B 101 39.80 35.61 6.47
CA ASP B 101 40.68 35.72 7.62
C ASP B 101 40.31 34.72 8.71
N GLN B 102 39.11 34.17 8.66
CA GLN B 102 38.75 33.07 9.54
C GLN B 102 39.30 31.75 8.99
N ALA B 103 38.99 30.66 9.69
CA ALA B 103 39.52 29.34 9.35
C ALA B 103 39.26 28.96 7.90
N PHE B 104 39.91 27.88 7.43
CA PHE B 104 39.78 27.45 6.05
C PHE B 104 38.39 26.92 5.73
N LEU B 105 37.51 26.83 6.72
CA LEU B 105 36.11 26.52 6.46
C LEU B 105 35.45 27.67 5.70
N SER B 106 35.77 28.91 6.09
CA SER B 106 35.20 30.07 5.41
C SER B 106 35.67 30.14 3.96
N GLN B 107 36.93 29.79 3.71
CA GLN B 107 37.43 29.75 2.33
C GLN B 107 36.79 28.61 1.56
N LEU B 108 36.61 27.45 2.22
CA LEU B 108 35.87 26.34 1.64
C LEU B 108 34.50 26.80 1.15
N TRP B 109 33.76 27.51 2.00
CA TRP B 109 32.41 27.92 1.64
C TRP B 109 32.43 28.98 0.54
N LYS B 110 33.39 29.90 0.60
CA LYS B 110 33.55 30.89 -0.46
C LYS B 110 33.83 30.23 -1.81
N GLU B 111 34.62 29.15 -1.80
CA GLU B 111 34.92 28.44 -3.05
C GLU B 111 33.71 27.68 -3.55
N TYR B 112 32.94 27.07 -2.64
CA TYR B 112 31.71 26.41 -3.09
C TYR B 112 30.71 27.42 -3.63
N ALA B 113 30.67 28.62 -3.04
CA ALA B 113 29.81 29.68 -3.55
C ALA B 113 30.31 30.25 -4.87
N LYS B 114 31.61 30.12 -5.14
CA LYS B 114 32.09 30.35 -6.49
C LYS B 114 31.39 29.43 -7.46
N GLY B 115 31.00 28.24 -7.00
CA GLY B 115 30.09 27.37 -7.71
C GLY B 115 28.71 27.99 -7.79
N ASP B 116 27.69 27.18 -8.09
CA ASP B 116 26.39 27.75 -8.43
C ASP B 116 25.77 28.52 -7.26
N SER B 117 25.54 27.84 -6.14
CA SER B 117 24.56 28.33 -5.18
C SER B 117 25.01 29.63 -4.51
N ARG B 118 24.18 30.08 -3.58
CA ARG B 118 24.14 31.47 -3.13
C ARG B 118 24.61 31.59 -1.68
N TYR B 119 25.59 30.78 -1.29
CA TYR B 119 26.02 30.78 0.10
C TYR B 119 26.72 32.06 0.50
N ILE B 120 26.77 33.03 -0.41
CA ILE B 120 27.23 34.40 -0.12
C ILE B 120 26.08 35.27 0.36
N LEU B 121 24.94 35.20 -0.31
CA LEU B 121 23.80 36.07 -0.01
C LEU B 121 23.14 35.76 1.32
N GLY B 122 23.42 34.60 1.93
CA GLY B 122 22.72 34.22 3.15
C GLY B 122 21.25 33.94 2.88
N ASP B 123 20.99 33.18 1.81
CA ASP B 123 19.63 32.86 1.39
C ASP B 123 18.79 32.32 2.55
N ASN B 124 17.56 32.81 2.66
CA ASN B 124 16.66 32.37 3.72
C ASN B 124 16.51 30.86 3.75
N PHE B 125 16.10 30.28 2.62
CA PHE B 125 15.89 28.83 2.58
C PHE B 125 17.20 28.08 2.77
N THR B 126 18.27 28.54 2.13
CA THR B 126 19.53 27.82 2.23
C THR B 126 20.01 27.75 3.66
N VAL B 127 19.93 28.88 4.38
CA VAL B 127 20.32 28.90 5.78
C VAL B 127 19.42 28.02 6.62
N CYS B 128 18.11 28.04 6.37
CA CYS B 128 17.20 27.20 7.17
C CYS B 128 17.46 25.72 6.96
N MET B 129 17.57 25.31 5.69
CA MET B 129 17.85 23.92 5.38
C MET B 129 19.19 23.48 5.96
N GLU B 130 20.20 24.36 5.89
CA GLU B 130 21.50 24.03 6.45
C GLU B 130 21.43 23.94 7.97
N THR B 131 20.62 24.79 8.61
CA THR B 131 20.43 24.70 10.05
C THR B 131 19.86 23.35 10.43
N ILE B 132 18.85 22.88 9.69
CA ILE B 132 18.23 21.60 10.02
C ILE B 132 19.21 20.45 9.77
N THR B 133 19.90 20.47 8.62
CA THR B 133 20.82 19.37 8.33
C THR B 133 22.02 19.34 9.28
N ALA B 134 22.50 20.51 9.71
CA ALA B 134 23.63 20.55 10.63
C ALA B 134 23.22 20.17 12.05
N CYS B 135 22.05 20.63 12.50
CA CYS B 135 21.60 20.35 13.85
C CYS B 135 21.12 18.90 13.98
N LEU B 136 20.34 18.43 13.01
CA LEU B 136 19.70 17.12 13.12
C LEU B 136 20.48 16.00 12.42
N TRP B 137 20.69 16.11 11.10
CA TRP B 137 21.16 14.96 10.36
C TRP B 137 22.60 14.59 10.70
N GLY B 138 23.42 15.54 11.15
CA GLY B 138 24.77 15.25 11.57
C GLY B 138 24.84 14.35 12.79
N PRO B 139 24.41 14.88 13.94
CA PRO B 139 24.26 14.07 15.15
C PRO B 139 23.57 12.74 14.91
N LEU B 140 22.46 12.74 14.19
CA LEU B 140 21.74 11.49 13.94
C LEU B 140 22.58 10.51 13.11
N SER B 141 23.38 11.00 12.16
CA SER B 141 24.26 10.11 11.41
C SER B 141 25.32 9.51 12.32
N LEU B 142 25.85 10.32 13.24
CA LEU B 142 26.80 9.80 14.22
C LEU B 142 26.13 8.80 15.15
N TRP B 143 24.86 9.02 15.50
CA TRP B 143 24.15 8.05 16.32
C TRP B 143 23.94 6.75 15.57
N VAL B 144 23.77 6.83 14.25
CA VAL B 144 23.68 5.61 13.46
C VAL B 144 25.00 4.86 13.50
N VAL B 145 26.11 5.54 13.20
CA VAL B 145 27.38 4.83 13.08
C VAL B 145 27.88 4.33 14.43
N ILE B 146 27.66 5.09 15.51
CA ILE B 146 28.08 4.63 16.84
C ILE B 146 27.17 3.52 17.31
N ALA B 147 25.87 3.77 17.32
CA ALA B 147 24.95 2.76 17.82
C ALA B 147 24.79 1.58 16.87
N PHE B 148 25.44 1.60 15.71
CA PHE B 148 25.42 0.47 14.79
C PHE B 148 26.45 -0.58 15.17
N LEU B 149 27.33 -0.25 16.12
CA LEU B 149 28.33 -1.20 16.60
C LEU B 149 27.72 -2.25 17.51
N ARG B 150 26.72 -1.86 18.31
CA ARG B 150 26.09 -2.79 19.25
C ARG B 150 24.84 -3.46 18.69
N GLN B 151 24.60 -3.36 17.38
CA GLN B 151 23.43 -3.95 16.74
C GLN B 151 22.10 -3.44 17.32
N HIS B 152 22.13 -2.32 18.05
CA HIS B 152 20.95 -1.70 18.66
C HIS B 152 19.76 -1.70 17.70
N PRO B 153 18.53 -1.89 18.21
CA PRO B 153 17.38 -2.00 17.29
C PRO B 153 16.98 -0.72 16.60
N LEU B 154 17.35 0.44 17.11
CA LEU B 154 17.03 1.71 16.47
C LEU B 154 17.91 2.01 15.26
N ARG B 155 18.76 1.08 14.84
CA ARG B 155 19.77 1.42 13.84
C ARG B 155 19.22 1.56 12.44
N PHE B 156 18.31 0.69 12.02
CA PHE B 156 17.82 0.84 10.66
C PHE B 156 16.72 1.89 10.62
N ILE B 157 16.02 2.08 11.74
CA ILE B 157 15.09 3.20 11.85
C ILE B 157 15.83 4.53 11.72
N LEU B 158 16.93 4.68 12.47
CA LEU B 158 17.71 5.91 12.37
C LEU B 158 18.34 6.09 10.99
N GLN B 159 18.94 5.01 10.44
CA GLN B 159 19.49 5.10 9.10
C GLN B 159 18.45 5.60 8.11
N LEU B 160 17.24 5.03 8.18
CA LEU B 160 16.16 5.42 7.31
C LEU B 160 15.79 6.89 7.52
N VAL B 161 15.59 7.30 8.77
CA VAL B 161 15.18 8.67 9.07
C VAL B 161 16.21 9.66 8.54
N VAL B 162 17.49 9.42 8.84
CA VAL B 162 18.55 10.33 8.41
C VAL B 162 18.58 10.44 6.89
N SER B 163 18.55 9.29 6.21
CA SER B 163 18.65 9.33 4.76
C SER B 163 17.42 9.97 4.10
N VAL B 164 16.24 9.78 4.69
CA VAL B 164 15.04 10.43 4.18
C VAL B 164 15.13 11.93 4.37
N GLY B 165 15.57 12.38 5.54
CA GLY B 165 15.73 13.80 5.77
C GLY B 165 16.75 14.43 4.83
N GLN B 166 17.86 13.72 4.58
CA GLN B 166 18.86 14.23 3.66
C GLN B 166 18.32 14.35 2.24
N ILE B 167 17.55 13.35 1.80
CA ILE B 167 16.93 13.41 0.48
C ILE B 167 15.97 14.58 0.38
N TYR B 168 15.15 14.80 1.41
CA TYR B 168 14.25 15.97 1.39
C TYR B 168 15.04 17.27 1.27
N GLY B 169 16.04 17.46 2.14
CA GLY B 169 16.86 18.66 2.06
C GLY B 169 17.44 18.87 0.68
N ASP B 170 17.96 17.80 0.07
CA ASP B 170 18.63 17.92 -1.22
C ASP B 170 17.63 18.21 -2.34
N VAL B 171 16.46 17.57 -2.30
CA VAL B 171 15.46 17.80 -3.34
C VAL B 171 14.98 19.24 -3.29
N LEU B 172 14.75 19.78 -2.08
CA LEU B 172 14.38 21.18 -1.97
C LEU B 172 15.53 22.10 -2.43
N TYR B 173 16.77 21.74 -2.09
CA TYR B 173 17.93 22.51 -2.51
C TYR B 173 17.98 22.65 -4.02
N PHE B 174 17.79 21.54 -4.74
CA PHE B 174 17.78 21.61 -6.19
C PHE B 174 16.56 22.36 -6.72
N LEU B 175 15.36 22.02 -6.22
CA LEU B 175 14.12 22.59 -6.74
C LEU B 175 14.11 24.11 -6.64
N THR B 176 14.49 24.65 -5.47
CA THR B 176 14.43 26.10 -5.29
C THR B 176 15.31 26.83 -6.30
N GLU B 177 16.56 26.39 -6.43
CA GLU B 177 17.45 26.99 -7.42
C GLU B 177 16.91 26.82 -8.84
N HIS B 178 16.24 25.71 -9.11
CA HIS B 178 15.66 25.48 -10.43
C HIS B 178 14.56 26.49 -10.72
N ARG B 179 13.61 26.64 -9.79
CA ARG B 179 12.56 27.63 -9.94
C ARG B 179 13.11 29.06 -9.86
N ASP B 180 14.33 29.24 -9.35
CA ASP B 180 15.05 30.49 -9.50
C ASP B 180 15.81 30.57 -10.81
N GLY B 181 15.66 29.57 -11.68
CA GLY B 181 16.31 29.57 -12.97
C GLY B 181 17.82 29.42 -12.94
N PHE B 182 18.36 28.79 -11.91
CA PHE B 182 19.81 28.66 -11.74
C PHE B 182 20.49 30.01 -11.75
N GLN B 183 19.74 31.03 -11.30
CA GLN B 183 20.23 32.39 -11.11
C GLN B 183 21.64 32.43 -10.56
N HIS B 184 21.82 31.90 -9.36
CA HIS B 184 23.14 31.85 -8.77
C HIS B 184 24.00 30.80 -9.46
N GLY B 185 25.17 31.22 -9.95
CA GLY B 185 26.08 30.29 -10.58
C GLY B 185 25.97 30.15 -12.08
N GLU B 186 27.12 30.16 -12.75
CA GLU B 186 27.17 30.06 -14.20
C GLU B 186 26.72 28.66 -14.64
N LEU B 187 25.72 28.63 -15.53
CA LEU B 187 25.19 27.36 -15.99
C LEU B 187 26.25 26.56 -16.71
N GLY B 188 26.21 25.24 -16.54
CA GLY B 188 27.06 24.34 -17.29
C GLY B 188 28.55 24.42 -17.00
N HIS B 189 28.98 25.36 -16.15
CA HIS B 189 30.39 25.47 -15.83
C HIS B 189 30.91 24.10 -15.35
N PRO B 190 32.01 23.60 -15.90
CA PRO B 190 32.42 22.22 -15.56
C PRO B 190 32.73 22.03 -14.09
N LEU B 191 33.63 22.86 -13.55
CA LEU B 191 33.99 22.77 -12.14
C LEU B 191 32.81 23.20 -11.27
N TYR B 192 32.32 24.42 -11.48
CA TYR B 192 31.46 25.09 -10.50
C TYR B 192 30.02 24.56 -10.52
N PHE B 193 29.49 24.24 -11.70
CA PHE B 193 28.10 23.77 -11.76
C PHE B 193 28.02 22.24 -11.75
N TRP B 194 28.69 21.58 -12.70
CA TRP B 194 28.48 20.15 -12.86
C TRP B 194 29.12 19.35 -11.74
N PHE B 195 30.25 19.81 -11.20
CA PHE B 195 30.87 19.11 -10.09
C PHE B 195 30.37 19.64 -8.75
N TYR B 196 30.59 20.92 -8.47
CA TYR B 196 30.22 21.50 -7.19
C TYR B 196 28.71 21.35 -6.94
N PHE B 197 27.90 21.84 -7.87
CA PHE B 197 26.45 21.89 -7.67
C PHE B 197 25.81 20.52 -7.88
N VAL B 198 25.90 19.97 -9.09
CA VAL B 198 25.14 18.76 -9.41
C VAL B 198 25.72 17.54 -8.69
N PHE B 199 27.02 17.29 -8.87
CA PHE B 199 27.60 16.04 -8.37
C PHE B 199 27.58 15.97 -6.85
N MET B 200 28.11 17.00 -6.19
CA MET B 200 28.27 16.92 -4.73
C MET B 200 26.95 16.64 -4.05
N ASN B 201 25.88 17.34 -4.45
CA ASN B 201 24.57 17.10 -3.89
C ASN B 201 24.00 15.77 -4.37
N ALA B 202 24.21 15.43 -5.63
CA ALA B 202 23.74 14.14 -6.12
C ALA B 202 24.29 13.01 -5.26
N LEU B 203 25.45 13.24 -4.64
CA LEU B 203 26.00 12.30 -3.66
C LEU B 203 24.98 11.99 -2.57
N TRP B 204 24.53 13.04 -1.85
CA TRP B 204 23.50 12.92 -0.83
C TRP B 204 22.11 12.69 -1.39
N LEU B 205 21.99 12.60 -2.71
CA LEU B 205 20.74 12.13 -3.28
C LEU B 205 20.77 10.62 -3.54
N VAL B 206 21.92 10.10 -3.99
CA VAL B 206 22.05 8.71 -4.41
C VAL B 206 22.43 7.81 -3.25
N LEU B 207 23.53 8.13 -2.55
CA LEU B 207 24.01 7.24 -1.49
C LEU B 207 22.99 7.02 -0.38
N PRO B 208 22.40 8.07 0.24
CA PRO B 208 21.36 7.81 1.23
C PRO B 208 20.08 7.27 0.62
N GLY B 209 19.86 7.42 -0.69
CA GLY B 209 18.75 6.70 -1.31
C GLY B 209 18.92 5.19 -1.21
N VAL B 210 20.09 4.71 -1.62
CA VAL B 210 20.41 3.29 -1.46
C VAL B 210 20.30 2.90 0.01
N LEU B 211 20.73 3.77 0.92
CA LEU B 211 20.61 3.45 2.34
C LEU B 211 19.15 3.37 2.79
N VAL B 212 18.29 4.22 2.23
CA VAL B 212 16.86 4.13 2.50
C VAL B 212 16.34 2.78 2.06
N LEU B 213 16.66 2.38 0.83
CA LEU B 213 16.25 1.06 0.36
C LEU B 213 16.76 -0.06 1.28
N ASP B 214 18.01 0.02 1.71
CA ASP B 214 18.57 -0.98 2.61
C ASP B 214 17.76 -1.06 3.90
N ALA B 215 17.61 0.08 4.58
CA ALA B 215 16.90 0.10 5.85
C ALA B 215 15.44 -0.31 5.70
N VAL B 216 14.86 -0.03 4.53
CA VAL B 216 13.46 -0.38 4.32
C VAL B 216 13.32 -1.88 4.13
N LYS B 217 14.17 -2.49 3.30
CA LYS B 217 14.07 -3.93 3.14
C LYS B 217 14.40 -4.67 4.43
N HIS B 218 15.32 -4.11 5.25
CA HIS B 218 15.63 -4.77 6.52
C HIS B 218 14.50 -4.61 7.52
N LEU B 219 13.87 -3.44 7.56
CA LEU B 219 12.77 -3.26 8.50
C LEU B 219 11.53 -4.01 8.03
N THR B 220 11.34 -4.17 6.72
CA THR B 220 10.26 -5.03 6.24
C THR B 220 10.48 -6.47 6.67
N HIS B 221 11.72 -6.97 6.56
CA HIS B 221 11.97 -8.32 7.04
C HIS B 221 11.79 -8.43 8.55
N ALA B 222 12.24 -7.42 9.29
CA ALA B 222 12.07 -7.42 10.75
C ALA B 222 10.61 -7.33 11.15
N GLN B 223 9.77 -6.70 10.32
CA GLN B 223 8.34 -6.59 10.58
C GLN B 223 7.59 -7.87 10.17
N SER B 224 8.11 -8.58 9.18
CA SER B 224 7.42 -9.77 8.69
C SER B 224 7.42 -10.89 9.73
N THR B 225 8.51 -11.05 10.47
CA THR B 225 8.65 -12.17 11.40
C THR B 225 7.66 -12.11 12.55
N LEU B 226 7.15 -10.94 12.91
CA LEU B 226 6.15 -10.81 13.98
C LEU B 226 4.80 -11.36 13.55
N ASP B 227 4.50 -12.59 13.98
CA ASP B 227 3.24 -13.28 13.70
C ASP B 227 2.86 -14.16 14.88
N PRO C 15 -25.93 -62.31 -26.78
CA PRO C 15 -26.36 -60.96 -26.39
C PRO C 15 -25.84 -59.90 -27.35
N LEU C 16 -26.71 -58.97 -27.72
CA LEU C 16 -26.36 -57.88 -28.62
C LEU C 16 -26.16 -56.55 -27.89
N HIS C 17 -26.18 -56.55 -26.55
CA HIS C 17 -25.94 -55.36 -25.74
C HIS C 17 -25.83 -55.73 -24.26
N PRO C 18 -25.05 -55.00 -23.46
CA PRO C 18 -24.88 -55.39 -22.05
C PRO C 18 -26.10 -55.15 -21.18
N TYR C 19 -27.05 -54.32 -21.63
CA TYR C 19 -28.18 -53.93 -20.81
C TYR C 19 -29.04 -55.16 -20.49
N TRP C 20 -29.21 -55.44 -19.19
CA TRP C 20 -29.34 -56.84 -18.79
C TRP C 20 -30.71 -57.50 -18.87
N PRO C 21 -31.85 -56.80 -18.83
CA PRO C 21 -33.10 -57.48 -19.20
C PRO C 21 -33.02 -57.93 -20.66
N GLN C 22 -32.49 -59.13 -20.89
CA GLN C 22 -31.93 -59.49 -22.19
C GLN C 22 -32.98 -59.59 -23.29
N HIS C 23 -34.27 -59.55 -22.97
CA HIS C 23 -35.28 -59.46 -24.02
C HIS C 23 -35.49 -58.05 -24.52
N LEU C 24 -34.74 -57.07 -23.99
CA LEU C 24 -34.85 -55.69 -24.46
C LEU C 24 -34.37 -55.61 -25.91
N ARG C 25 -35.24 -55.15 -26.81
CA ARG C 25 -34.86 -54.99 -28.20
C ARG C 25 -34.51 -53.50 -28.41
N LEU C 26 -33.22 -53.21 -28.27
CA LEU C 26 -32.69 -51.84 -28.31
C LEU C 26 -31.96 -51.65 -29.64
N ASP C 27 -32.71 -51.30 -30.68
CA ASP C 27 -32.10 -50.87 -31.93
C ASP C 27 -31.43 -49.51 -31.73
N ASN C 28 -30.77 -49.03 -32.80
CA ASN C 28 -30.08 -47.74 -32.81
C ASN C 28 -29.18 -47.55 -31.60
N PHE C 29 -28.52 -48.64 -31.19
CA PHE C 29 -27.55 -48.59 -30.10
C PHE C 29 -26.16 -48.78 -30.68
N VAL C 30 -25.24 -47.90 -30.31
CA VAL C 30 -23.87 -47.91 -30.82
C VAL C 30 -22.93 -47.96 -29.62
N PRO C 31 -22.15 -49.02 -29.43
CA PRO C 31 -21.14 -48.99 -28.37
C PRO C 31 -20.11 -47.91 -28.70
N ASN C 32 -19.91 -46.99 -27.76
CA ASN C 32 -19.03 -45.87 -28.03
C ASN C 32 -17.59 -46.33 -28.24
N ASP C 33 -16.91 -45.61 -29.12
CA ASP C 33 -15.51 -45.91 -29.45
C ASP C 33 -14.62 -45.83 -28.21
N ARG C 34 -14.93 -44.94 -27.27
CA ARG C 34 -14.06 -44.78 -26.11
C ARG C 34 -14.30 -45.91 -25.12
N PRO C 35 -13.24 -46.59 -24.67
CA PRO C 35 -13.39 -47.64 -23.65
C PRO C 35 -13.90 -47.08 -22.33
N THR C 36 -14.28 -48.00 -21.43
CA THR C 36 -14.79 -47.59 -20.13
C THR C 36 -13.74 -46.88 -19.30
N TRP C 37 -12.48 -47.33 -19.40
CA TRP C 37 -11.43 -46.71 -18.61
C TRP C 37 -11.16 -45.28 -19.06
N HIS C 38 -11.41 -44.97 -20.34
CA HIS C 38 -11.36 -43.59 -20.79
C HIS C 38 -12.27 -42.71 -19.95
N ILE C 39 -13.54 -43.10 -19.82
CA ILE C 39 -14.52 -42.29 -19.08
C ILE C 39 -14.17 -42.26 -17.60
N LEU C 40 -13.79 -43.41 -17.04
CA LEU C 40 -13.44 -43.46 -15.62
C LEU C 40 -12.28 -42.52 -15.31
N ALA C 41 -11.24 -42.53 -16.16
CA ALA C 41 -10.09 -41.66 -15.94
C ALA C 41 -10.47 -40.20 -16.15
N GLY C 42 -11.27 -39.91 -17.17
CA GLY C 42 -11.72 -38.54 -17.39
C GLY C 42 -12.55 -37.99 -16.25
N LEU C 43 -13.21 -38.86 -15.49
CA LEU C 43 -14.02 -38.36 -14.38
C LEU C 43 -13.27 -38.28 -13.05
N PHE C 44 -12.48 -39.30 -12.73
CA PHE C 44 -11.72 -39.30 -11.48
C PHE C 44 -10.88 -38.03 -11.36
N SER C 45 -10.21 -37.66 -12.46
CA SER C 45 -9.34 -36.48 -12.47
C SER C 45 -10.14 -35.21 -12.20
N VAL C 46 -11.28 -35.03 -12.88
CA VAL C 46 -12.05 -33.80 -12.73
C VAL C 46 -12.62 -33.69 -11.33
N THR C 47 -13.05 -34.81 -10.74
CA THR C 47 -13.52 -34.75 -9.36
C THR C 47 -12.39 -34.39 -8.40
N GLY C 48 -11.21 -34.94 -8.62
CA GLY C 48 -10.06 -34.53 -7.82
C GLY C 48 -9.75 -33.05 -7.97
N VAL C 49 -9.83 -32.55 -9.21
CA VAL C 49 -9.62 -31.12 -9.46
C VAL C 49 -10.60 -30.27 -8.66
N LEU C 50 -11.88 -30.67 -8.67
CA LEU C 50 -12.89 -29.91 -7.93
C LEU C 50 -12.64 -29.97 -6.43
N VAL C 51 -12.31 -31.16 -5.91
CA VAL C 51 -12.03 -31.28 -4.48
C VAL C 51 -10.86 -30.39 -4.10
N VAL C 52 -9.83 -30.35 -4.95
CA VAL C 52 -8.65 -29.54 -4.66
C VAL C 52 -9.01 -28.05 -4.70
N THR C 53 -9.69 -27.61 -5.76
CA THR C 53 -10.04 -26.20 -5.87
C THR C 53 -10.88 -25.73 -4.68
N THR C 54 -11.82 -26.56 -4.23
CA THR C 54 -12.66 -26.15 -3.12
C THR C 54 -11.93 -26.25 -1.78
N TRP C 55 -11.04 -27.24 -1.63
CA TRP C 55 -10.18 -27.29 -0.46
C TRP C 55 -9.32 -26.03 -0.36
N LEU C 56 -8.82 -25.54 -1.50
CA LEU C 56 -8.03 -24.32 -1.51
C LEU C 56 -8.88 -23.12 -1.13
N LEU C 57 -10.08 -23.00 -1.72
CA LEU C 57 -10.94 -21.88 -1.39
C LEU C 57 -11.39 -21.92 0.07
N SER C 58 -11.50 -23.12 0.66
CA SER C 58 -11.78 -23.23 2.09
C SER C 58 -10.58 -22.80 2.93
N GLY C 59 -9.39 -23.26 2.56
CA GLY C 59 -8.16 -22.87 3.26
C GLY C 59 -7.86 -21.39 3.23
N ARG C 60 -8.44 -20.65 2.28
CA ARG C 60 -8.24 -19.22 2.19
C ARG C 60 -9.50 -18.52 2.68
N THR C 68 -10.78 -28.56 8.87
CA THR C 68 -10.47 -29.65 7.95
C THR C 68 -11.74 -30.42 7.57
N TRP C 69 -12.38 -31.02 8.59
CA TRP C 69 -13.62 -31.76 8.39
C TRP C 69 -14.68 -30.89 7.72
N ARG C 70 -14.92 -29.71 8.30
CA ARG C 70 -15.95 -28.81 7.81
C ARG C 70 -15.64 -28.37 6.40
N ARG C 71 -14.35 -28.19 6.10
CA ARG C 71 -13.84 -27.86 4.79
C ARG C 71 -13.89 -29.03 3.81
N LEU C 72 -13.90 -30.26 4.33
CA LEU C 72 -14.11 -31.43 3.47
C LEU C 72 -15.55 -31.52 3.01
N SER C 73 -16.50 -31.25 3.90
CA SER C 73 -17.90 -31.32 3.47
C SER C 73 -18.17 -30.33 2.34
N LEU C 74 -17.43 -29.21 2.30
CA LEU C 74 -17.60 -28.22 1.24
C LEU C 74 -17.21 -28.78 -0.13
N CYS C 75 -16.05 -29.46 -0.21
CA CYS C 75 -15.71 -30.07 -1.48
C CYS C 75 -16.65 -31.22 -1.82
N TRP C 76 -17.19 -31.90 -0.81
CA TRP C 76 -18.22 -32.89 -1.07
C TRP C 76 -19.41 -32.25 -1.79
N PHE C 77 -19.88 -31.11 -1.28
CA PHE C 77 -21.01 -30.42 -1.91
C PHE C 77 -20.65 -29.84 -3.28
N ALA C 78 -19.37 -29.53 -3.50
CA ALA C 78 -18.96 -29.09 -4.84
C ALA C 78 -19.02 -30.23 -5.83
N VAL C 79 -18.52 -31.41 -5.44
CA VAL C 79 -18.60 -32.58 -6.31
C VAL C 79 -20.05 -32.93 -6.56
N CYS C 80 -20.90 -32.79 -5.53
CA CYS C 80 -22.33 -32.95 -5.71
C CYS C 80 -22.86 -32.03 -6.81
N GLY C 81 -22.76 -30.71 -6.58
CA GLY C 81 -23.23 -29.75 -7.58
C GLY C 81 -22.75 -30.05 -8.98
N PHE C 82 -21.51 -30.56 -9.11
CA PHE C 82 -21.00 -30.96 -10.41
C PHE C 82 -21.76 -32.14 -10.99
N ILE C 83 -21.85 -33.23 -10.22
CA ILE C 83 -22.50 -34.45 -10.71
C ILE C 83 -23.96 -34.18 -11.05
N HIS C 84 -24.67 -33.52 -10.14
CA HIS C 84 -26.08 -33.23 -10.35
C HIS C 84 -26.30 -32.31 -11.55
N LEU C 85 -25.46 -31.29 -11.71
CA LEU C 85 -25.72 -30.32 -12.77
C LEU C 85 -25.17 -30.75 -14.12
N VAL C 86 -23.89 -31.09 -14.19
CA VAL C 86 -23.26 -31.42 -15.46
C VAL C 86 -23.65 -32.83 -15.91
N ILE C 87 -23.38 -33.83 -15.08
CA ILE C 87 -23.60 -35.23 -15.45
C ILE C 87 -25.07 -35.59 -15.42
N GLU C 88 -25.67 -35.58 -14.23
CA GLU C 88 -27.09 -35.91 -14.12
C GLU C 88 -27.95 -34.94 -14.93
N GLY C 89 -27.52 -33.69 -15.06
CA GLY C 89 -28.20 -32.79 -15.98
C GLY C 89 -28.05 -33.25 -17.42
N TRP C 90 -26.86 -33.73 -17.78
CA TRP C 90 -26.66 -34.31 -19.11
C TRP C 90 -27.65 -35.43 -19.37
N PHE C 91 -27.87 -36.29 -18.37
CA PHE C 91 -28.88 -37.33 -18.54
C PHE C 91 -30.27 -36.73 -18.72
N VAL C 92 -30.64 -35.77 -17.86
CA VAL C 92 -31.97 -35.17 -17.94
C VAL C 92 -32.22 -34.56 -19.31
N LEU C 93 -31.16 -34.08 -19.95
CA LEU C 93 -31.34 -33.48 -21.28
C LEU C 93 -31.33 -34.52 -22.39
N TYR C 94 -30.25 -35.30 -22.51
CA TYR C 94 -29.97 -36.00 -23.75
C TYR C 94 -30.32 -37.49 -23.71
N TYR C 95 -31.35 -37.87 -22.98
CA TYR C 95 -32.08 -39.09 -23.31
C TYR C 95 -33.16 -38.65 -24.28
N GLU C 96 -33.61 -39.55 -25.15
CA GLU C 96 -33.20 -40.93 -25.28
C GLU C 96 -32.39 -41.08 -26.56
N ASP C 97 -31.26 -40.37 -26.63
CA ASP C 97 -30.41 -40.42 -27.81
C ASP C 97 -29.68 -41.75 -27.92
N LEU C 98 -28.96 -42.15 -26.88
CA LEU C 98 -28.21 -43.41 -26.86
C LEU C 98 -27.11 -43.44 -27.90
N LEU C 99 -26.50 -42.29 -28.18
CA LEU C 99 -25.42 -42.21 -29.14
C LEU C 99 -24.25 -41.43 -28.55
N GLY C 100 -23.09 -42.07 -28.50
CA GLY C 100 -21.88 -41.50 -27.98
C GLY C 100 -21.21 -40.48 -28.88
N ASP C 101 -21.89 -40.06 -29.95
CA ASP C 101 -21.38 -39.01 -30.82
C ASP C 101 -21.32 -37.67 -30.10
N GLN C 102 -22.05 -37.56 -28.99
CA GLN C 102 -21.94 -36.44 -28.08
C GLN C 102 -20.72 -36.66 -27.17
N ALA C 103 -20.50 -35.74 -26.23
CA ALA C 103 -19.38 -35.85 -25.32
C ALA C 103 -19.43 -37.21 -24.60
N PHE C 104 -18.34 -37.54 -23.92
CA PHE C 104 -18.29 -38.83 -23.24
C PHE C 104 -19.25 -38.89 -22.05
N LEU C 105 -20.04 -37.84 -21.80
CA LEU C 105 -21.10 -37.91 -20.79
C LEU C 105 -22.18 -38.91 -21.20
N SER C 106 -22.57 -38.90 -22.47
CA SER C 106 -23.58 -39.85 -22.94
C SER C 106 -23.05 -41.28 -22.87
N GLN C 107 -21.78 -41.48 -23.19
CA GLN C 107 -21.18 -42.80 -23.07
C GLN C 107 -21.04 -43.19 -21.61
N LEU C 108 -20.72 -42.21 -20.75
CA LEU C 108 -20.74 -42.42 -19.30
C LEU C 108 -22.07 -43.00 -18.86
N TRP C 109 -23.17 -42.39 -19.30
CA TRP C 109 -24.49 -42.85 -18.88
C TRP C 109 -24.81 -44.21 -19.47
N LYS C 110 -24.38 -44.46 -20.72
CA LYS C 110 -24.52 -45.80 -21.25
C LYS C 110 -23.75 -46.80 -20.41
N GLU C 111 -22.59 -46.40 -19.86
CA GLU C 111 -21.81 -47.30 -19.02
C GLU C 111 -22.47 -47.54 -17.66
N TYR C 112 -23.06 -46.49 -17.09
CA TYR C 112 -23.79 -46.69 -15.83
C TYR C 112 -25.02 -47.56 -16.06
N ALA C 113 -25.69 -47.40 -17.19
CA ALA C 113 -26.81 -48.28 -17.51
C ALA C 113 -26.36 -49.68 -17.87
N LYS C 114 -25.11 -49.83 -18.31
CA LYS C 114 -24.49 -51.16 -18.35
C LYS C 114 -24.49 -51.78 -16.96
N GLY C 115 -24.42 -50.94 -15.93
CA GLY C 115 -24.73 -51.35 -14.58
C GLY C 115 -26.21 -51.67 -14.46
N ASP C 116 -26.74 -51.65 -13.23
CA ASP C 116 -28.08 -52.19 -13.01
C ASP C 116 -29.14 -51.40 -13.76
N SER C 117 -29.28 -50.11 -13.44
CA SER C 117 -30.52 -49.40 -13.75
C SER C 117 -30.73 -49.19 -15.24
N ARG C 118 -31.81 -48.46 -15.52
CA ARG C 118 -32.50 -48.44 -16.81
C ARG C 118 -32.37 -47.08 -17.49
N TYR C 119 -31.21 -46.44 -17.33
CA TYR C 119 -30.96 -45.10 -17.88
C TYR C 119 -30.87 -45.09 -19.39
N ILE C 120 -31.06 -46.24 -20.04
CA ILE C 120 -31.23 -46.30 -21.48
C ILE C 120 -32.69 -46.12 -21.87
N LEU C 121 -33.59 -46.80 -21.16
CA LEU C 121 -35.01 -46.76 -21.48
C LEU C 121 -35.66 -45.42 -21.17
N GLY C 122 -35.01 -44.55 -20.41
CA GLY C 122 -35.61 -43.29 -20.03
C GLY C 122 -36.80 -43.49 -19.12
N ASP C 123 -36.62 -44.34 -18.11
CA ASP C 123 -37.70 -44.70 -17.20
C ASP C 123 -38.40 -43.46 -16.68
N ASN C 124 -39.74 -43.49 -16.69
CA ASN C 124 -40.53 -42.34 -16.28
C ASN C 124 -40.09 -41.81 -14.92
N PHE C 125 -40.08 -42.69 -13.92
CA PHE C 125 -39.68 -42.27 -12.58
C PHE C 125 -38.24 -41.82 -12.57
N THR C 126 -37.36 -42.55 -13.25
CA THR C 126 -35.94 -42.18 -13.24
C THR C 126 -35.71 -40.82 -13.86
N VAL C 127 -36.37 -40.53 -14.98
CA VAL C 127 -36.24 -39.22 -15.61
C VAL C 127 -36.78 -38.12 -14.71
N CYS C 128 -37.92 -38.36 -14.06
CA CYS C 128 -38.47 -37.35 -13.16
C CYS C 128 -37.56 -37.09 -11.97
N MET C 129 -37.05 -38.17 -11.36
CA MET C 129 -36.13 -38.06 -10.24
C MET C 129 -34.86 -37.31 -10.63
N GLU C 130 -34.33 -37.62 -11.82
CA GLU C 130 -33.12 -36.94 -12.26
C GLU C 130 -33.40 -35.47 -12.52
N THR C 131 -34.57 -35.16 -13.07
CA THR C 131 -34.94 -33.76 -13.28
C THR C 131 -34.94 -32.99 -11.96
N ILE C 132 -35.50 -33.59 -10.91
CA ILE C 132 -35.56 -32.89 -9.62
C ILE C 132 -34.17 -32.73 -9.02
N THR C 133 -33.37 -33.80 -9.02
CA THR C 133 -32.06 -33.69 -8.39
C THR C 133 -31.15 -32.74 -9.16
N ALA C 134 -31.27 -32.66 -10.49
CA ALA C 134 -30.44 -31.74 -11.26
C ALA C 134 -30.90 -30.30 -11.12
N CYS C 135 -32.21 -30.06 -11.15
CA CYS C 135 -32.73 -28.69 -11.10
C CYS C 135 -32.61 -28.08 -9.72
N LEU C 136 -32.97 -28.83 -8.67
CA LEU C 136 -32.99 -28.26 -7.33
C LEU C 136 -31.70 -28.54 -6.57
N TRP C 137 -31.37 -29.81 -6.36
CA TRP C 137 -30.27 -30.15 -5.45
C TRP C 137 -28.89 -29.76 -5.99
N GLY C 138 -28.71 -29.65 -7.31
CA GLY C 138 -27.46 -29.19 -7.87
C GLY C 138 -27.13 -27.76 -7.50
N PRO C 139 -27.93 -26.82 -8.07
CA PRO C 139 -27.84 -25.42 -7.65
C PRO C 139 -27.77 -25.28 -6.14
N LEU C 140 -28.62 -26.01 -5.42
CA LEU C 140 -28.64 -25.90 -3.98
C LEU C 140 -27.31 -26.36 -3.35
N SER C 141 -26.64 -27.35 -3.93
CA SER C 141 -25.34 -27.77 -3.40
C SER C 141 -24.30 -26.68 -3.62
N LEU C 142 -24.32 -26.06 -4.80
CA LEU C 142 -23.41 -24.95 -5.03
C LEU C 142 -23.72 -23.79 -4.09
N TRP C 143 -25.00 -23.58 -3.79
CA TRP C 143 -25.40 -22.55 -2.85
C TRP C 143 -24.95 -22.91 -1.44
N VAL C 144 -24.87 -24.20 -1.11
CA VAL C 144 -24.34 -24.62 0.18
C VAL C 144 -22.87 -24.23 0.28
N VAL C 145 -22.09 -24.59 -0.74
CA VAL C 145 -20.66 -24.29 -0.66
C VAL C 145 -20.44 -22.78 -0.66
N ILE C 146 -21.32 -22.03 -1.33
CA ILE C 146 -21.20 -20.56 -1.32
C ILE C 146 -21.52 -20.02 0.07
N ALA C 147 -22.70 -20.35 0.61
CA ALA C 147 -23.15 -19.80 1.88
C ALA C 147 -22.41 -20.34 3.08
N PHE C 148 -21.53 -21.33 2.90
CA PHE C 148 -20.71 -21.75 4.02
C PHE C 148 -19.40 -20.97 4.10
N LEU C 149 -19.06 -20.23 3.05
CA LEU C 149 -17.88 -19.37 3.08
C LEU C 149 -18.16 -18.07 3.81
N ARG C 150 -19.27 -17.40 3.49
CA ARG C 150 -19.64 -16.16 4.15
C ARG C 150 -20.25 -16.37 5.52
N GLN C 151 -20.12 -17.58 6.08
CA GLN C 151 -20.66 -17.94 7.38
C GLN C 151 -22.16 -17.66 7.50
N HIS C 152 -22.82 -17.30 6.38
CA HIS C 152 -24.24 -16.97 6.28
C HIS C 152 -25.08 -17.87 7.18
N PRO C 153 -26.18 -17.35 7.76
CA PRO C 153 -26.95 -18.18 8.69
C PRO C 153 -27.68 -19.33 8.05
N LEU C 154 -27.90 -19.30 6.73
CA LEU C 154 -28.53 -20.38 5.99
C LEU C 154 -27.60 -21.57 5.77
N ARG C 155 -26.42 -21.59 6.40
CA ARG C 155 -25.40 -22.56 6.03
C ARG C 155 -25.83 -23.98 6.39
N PHE C 156 -26.50 -24.15 7.54
CA PHE C 156 -26.92 -25.47 7.95
C PHE C 156 -28.31 -25.84 7.44
N ILE C 157 -29.21 -24.87 7.26
CA ILE C 157 -30.53 -25.15 6.71
C ILE C 157 -30.41 -25.69 5.28
N LEU C 158 -29.58 -25.03 4.47
CA LEU C 158 -29.37 -25.49 3.10
C LEU C 158 -28.81 -26.90 3.08
N GLN C 159 -27.82 -27.15 3.93
CA GLN C 159 -27.27 -28.50 4.09
C GLN C 159 -28.36 -29.51 4.42
N LEU C 160 -29.23 -29.17 5.37
CA LEU C 160 -30.29 -30.08 5.77
C LEU C 160 -31.21 -30.39 4.61
N VAL C 161 -31.70 -29.35 3.93
CA VAL C 161 -32.63 -29.56 2.81
C VAL C 161 -31.98 -30.42 1.74
N VAL C 162 -30.76 -30.06 1.33
CA VAL C 162 -30.09 -30.80 0.27
C VAL C 162 -29.91 -32.25 0.64
N SER C 163 -29.38 -32.51 1.85
CA SER C 163 -29.11 -33.89 2.23
C SER C 163 -30.39 -34.69 2.41
N VAL C 164 -31.46 -34.07 2.91
CA VAL C 164 -32.73 -34.79 3.02
C VAL C 164 -33.28 -35.13 1.65
N GLY C 165 -33.22 -34.17 0.72
CA GLY C 165 -33.69 -34.45 -0.63
C GLY C 165 -32.89 -35.54 -1.31
N GLN C 166 -31.57 -35.55 -1.10
CA GLN C 166 -30.72 -36.58 -1.68
C GLN C 166 -31.04 -37.95 -1.07
N ILE C 167 -31.25 -38.01 0.24
CA ILE C 167 -31.61 -39.27 0.87
C ILE C 167 -32.95 -39.78 0.34
N TYR C 168 -33.93 -38.89 0.19
CA TYR C 168 -35.22 -39.28 -0.38
C TYR C 168 -35.05 -39.82 -1.79
N GLY C 169 -34.36 -39.08 -2.66
CA GLY C 169 -34.09 -39.57 -3.99
C GLY C 169 -33.46 -40.93 -3.98
N ASP C 170 -32.51 -41.15 -3.06
CA ASP C 170 -31.77 -42.41 -3.01
C ASP C 170 -32.66 -43.56 -2.55
N VAL C 171 -33.47 -43.32 -1.53
CA VAL C 171 -34.33 -44.37 -1.01
C VAL C 171 -35.37 -44.76 -2.06
N LEU C 172 -35.94 -43.78 -2.75
CA LEU C 172 -36.89 -44.12 -3.81
C LEU C 172 -36.22 -44.82 -4.98
N TYR C 173 -35.01 -44.38 -5.36
CA TYR C 173 -34.28 -45.03 -6.44
C TYR C 173 -34.03 -46.50 -6.13
N PHE C 174 -33.59 -46.79 -4.90
CA PHE C 174 -33.37 -48.17 -4.51
C PHE C 174 -34.68 -48.94 -4.42
N LEU C 175 -35.68 -48.37 -3.75
CA LEU C 175 -36.95 -49.05 -3.52
C LEU C 175 -37.63 -49.44 -4.81
N THR C 176 -37.74 -48.50 -5.77
CA THR C 176 -38.46 -48.79 -7.01
C THR C 176 -37.79 -49.93 -7.77
N GLU C 177 -36.48 -49.81 -8.01
CA GLU C 177 -35.76 -50.85 -8.72
C GLU C 177 -35.84 -52.18 -7.97
N HIS C 178 -35.87 -52.13 -6.63
CA HIS C 178 -36.00 -53.34 -5.83
C HIS C 178 -37.36 -54.00 -6.01
N ARG C 179 -38.43 -53.21 -5.88
CA ARG C 179 -39.78 -53.70 -6.10
C ARG C 179 -40.00 -54.11 -7.55
N ASP C 180 -39.08 -53.74 -8.44
CA ASP C 180 -39.00 -54.32 -9.77
C ASP C 180 -38.25 -55.65 -9.78
N GLY C 181 -37.88 -56.16 -8.61
CA GLY C 181 -37.16 -57.41 -8.48
C GLY C 181 -35.75 -57.38 -9.02
N PHE C 182 -35.14 -56.20 -9.06
CA PHE C 182 -33.80 -56.03 -9.63
C PHE C 182 -33.74 -56.53 -11.07
N GLN C 183 -34.89 -56.47 -11.73
CA GLN C 183 -35.04 -56.73 -13.15
C GLN C 183 -33.92 -56.13 -13.97
N HIS C 184 -33.78 -54.81 -13.91
CA HIS C 184 -32.71 -54.13 -14.62
C HIS C 184 -31.37 -54.43 -13.96
N GLY C 185 -30.43 -54.92 -14.74
CA GLY C 185 -29.10 -55.21 -14.21
C GLY C 185 -28.89 -56.62 -13.73
N GLU C 186 -27.77 -57.21 -14.14
CA GLU C 186 -27.44 -58.58 -13.75
C GLU C 186 -27.22 -58.64 -12.25
N LEU C 187 -28.00 -59.47 -11.57
CA LEU C 187 -27.92 -59.55 -10.12
C LEU C 187 -26.55 -60.02 -9.66
N GLY C 188 -26.09 -59.47 -8.53
CA GLY C 188 -24.88 -59.94 -7.91
C GLY C 188 -23.61 -59.67 -8.69
N HIS C 189 -23.70 -59.14 -9.90
CA HIS C 189 -22.54 -58.86 -10.70
C HIS C 189 -21.55 -58.01 -9.90
N PRO C 190 -20.27 -58.36 -9.89
CA PRO C 190 -19.32 -57.63 -9.05
C PRO C 190 -19.21 -56.16 -9.47
N LEU C 191 -18.92 -55.93 -10.74
CA LEU C 191 -18.79 -54.57 -11.24
C LEU C 191 -20.15 -53.87 -11.31
N TYR C 192 -21.08 -54.43 -12.10
CA TYR C 192 -22.25 -53.66 -12.51
C TYR C 192 -23.27 -53.51 -11.40
N PHE C 193 -23.45 -54.52 -10.55
CA PHE C 193 -24.46 -54.42 -9.51
C PHE C 193 -23.87 -53.85 -8.22
N TRP C 194 -22.82 -54.50 -7.71
CA TRP C 194 -22.34 -54.15 -6.37
C TRP C 194 -21.59 -52.82 -6.35
N PHE C 195 -20.84 -52.50 -7.41
CA PHE C 195 -20.14 -51.22 -7.46
C PHE C 195 -21.00 -50.12 -8.09
N TYR C 196 -21.40 -50.31 -9.35
CA TYR C 196 -22.16 -49.27 -10.04
C TYR C 196 -23.45 -48.94 -9.30
N PHE C 197 -24.27 -49.95 -9.03
CA PHE C 197 -25.59 -49.75 -8.44
C PHE C 197 -25.52 -49.49 -6.94
N VAL C 198 -25.01 -50.45 -6.17
CA VAL C 198 -25.11 -50.35 -4.72
C VAL C 198 -24.20 -49.25 -4.17
N PHE C 199 -22.92 -49.27 -4.53
CA PHE C 199 -21.95 -48.35 -3.92
C PHE C 199 -22.24 -46.89 -4.23
N MET C 200 -22.35 -46.57 -5.53
CA MET C 200 -22.45 -45.17 -5.94
C MET C 200 -23.63 -44.47 -5.28
N ASN C 201 -24.80 -45.11 -5.28
CA ASN C 201 -25.93 -44.51 -4.58
C ASN C 201 -25.71 -44.54 -3.07
N ALA C 202 -25.14 -45.62 -2.54
CA ALA C 202 -24.90 -45.66 -1.11
C ALA C 202 -24.08 -44.47 -0.66
N LEU C 203 -23.27 -43.89 -1.55
CA LEU C 203 -22.59 -42.63 -1.22
C LEU C 203 -23.60 -41.55 -0.84
N TRP C 204 -24.54 -41.22 -1.74
CA TRP C 204 -25.55 -40.21 -1.42
C TRP C 204 -26.58 -40.72 -0.42
N LEU C 205 -26.42 -41.94 0.06
CA LEU C 205 -27.20 -42.39 1.21
C LEU C 205 -26.47 -42.14 2.52
N VAL C 206 -25.16 -42.37 2.54
CA VAL C 206 -24.38 -42.31 3.79
C VAL C 206 -23.84 -40.90 4.04
N LEU C 207 -23.10 -40.35 3.08
CA LEU C 207 -22.47 -39.06 3.31
C LEU C 207 -23.48 -37.95 3.64
N PRO C 208 -24.54 -37.73 2.84
CA PRO C 208 -25.54 -36.75 3.28
C PRO C 208 -26.35 -37.20 4.49
N GLY C 209 -26.40 -38.50 4.80
CA GLY C 209 -26.97 -38.90 6.07
C GLY C 209 -26.19 -38.34 7.25
N VAL C 210 -24.88 -38.57 7.25
CA VAL C 210 -24.00 -37.97 8.26
C VAL C 210 -24.18 -36.46 8.26
N LEU C 211 -24.32 -35.86 7.08
CA LEU C 211 -24.50 -34.42 7.00
C LEU C 211 -25.82 -33.98 7.64
N VAL C 212 -26.89 -34.78 7.47
CA VAL C 212 -28.16 -34.51 8.13
C VAL C 212 -27.98 -34.50 9.64
N LEU C 213 -27.34 -35.55 10.15
CA LEU C 213 -27.08 -35.60 11.58
C LEU C 213 -26.31 -34.37 12.06
N ASP C 214 -25.27 -33.98 11.31
CA ASP C 214 -24.48 -32.80 11.67
C ASP C 214 -25.33 -31.53 11.68
N ALA C 215 -26.02 -31.24 10.58
CA ALA C 215 -26.79 -30.00 10.48
C ALA C 215 -27.89 -29.96 11.53
N VAL C 216 -28.43 -31.12 11.92
CA VAL C 216 -29.44 -31.12 12.98
C VAL C 216 -28.79 -30.86 14.32
N LYS C 217 -27.62 -31.47 14.57
CA LYS C 217 -26.92 -31.24 15.84
C LYS C 217 -26.53 -29.79 16.01
N HIS C 218 -26.25 -29.08 14.91
CA HIS C 218 -25.96 -27.65 15.01
C HIS C 218 -27.23 -26.81 15.16
N LEU C 219 -28.29 -27.13 14.40
CA LEU C 219 -29.49 -26.31 14.45
C LEU C 219 -30.26 -26.48 15.75
N THR C 220 -30.17 -27.66 16.38
CA THR C 220 -30.77 -27.85 17.69
C THR C 220 -30.12 -26.94 18.73
N HIS C 221 -28.78 -26.83 18.70
CA HIS C 221 -28.10 -25.92 19.61
C HIS C 221 -28.46 -24.47 19.30
N ALA C 222 -28.55 -24.13 18.01
CA ALA C 222 -28.94 -22.77 17.64
C ALA C 222 -30.36 -22.45 18.08
N GLN C 223 -31.23 -23.45 18.15
CA GLN C 223 -32.60 -23.21 18.64
C GLN C 223 -32.66 -23.16 20.15
N SER C 224 -31.79 -23.92 20.83
CA SER C 224 -31.76 -23.89 22.28
C SER C 224 -31.19 -22.57 22.78
N THR C 225 -30.18 -22.05 22.09
CA THR C 225 -29.51 -20.83 22.53
C THR C 225 -30.45 -19.63 22.48
N LEU C 226 -31.47 -19.66 21.64
CA LEU C 226 -32.49 -18.60 21.67
C LEU C 226 -33.32 -18.83 22.92
N ASP C 227 -32.97 -18.11 23.99
CA ASP C 227 -33.65 -18.26 25.27
C ASP C 227 -33.62 -16.94 26.03
#